data_8JFQ
#
_entry.id   8JFQ
#
_entity_poly.entity_id   1
_entity_poly.type   'polydeoxyribonucleotide'
_entity_poly.pdbx_seq_one_letter_code
;(DT)(DC)(DG)(DG)(DG)(DG)(DA)(DG)(DG)(DC)(DA)(DG)(DG)(DG)(DC)(DG)(DG)(DG)(DA)(DG)
(DG)(DA)(DA)(DG)(DA)(DT)
;
_entity_poly.pdbx_strand_id   X
#